data_3LYY
#
_entry.id   3LYY
#
_cell.length_a   90.634
_cell.length_b   90.634
_cell.length_c   56.991
_cell.angle_alpha   90.00
_cell.angle_beta   90.00
_cell.angle_gamma   120.00
#
_symmetry.space_group_name_H-M   'P 62'
#
loop_
_entity.id
_entity.type
_entity.pdbx_description
1 polymer 'Adhesion exoprotein'
2 water water
#
_entity_poly.entity_id   1
_entity_poly.type   'polypeptide(L)'
_entity_poly.pdbx_seq_one_letter_code
;THATSTETIHYVNEDGDQVFEDGGGKLDFTRTVTIDDVTNEVVEYGEWTPVTDDEFAAVTSPDKDGYTPDTSEVAAQKPD
(MSE)TDGPDGTVKDVEVTVTYTANPAVATI
;
_entity_poly.pdbx_strand_id   A,B
#
# COMPACT_ATOMS: atom_id res chain seq x y z
N THR A 1 -2.42 -5.02 16.25
CA THR A 1 -1.08 -4.38 16.18
C THR A 1 -0.72 -4.15 14.72
N HIS A 2 0.20 -3.21 14.47
CA HIS A 2 0.64 -2.91 13.12
C HIS A 2 2.16 -2.93 13.14
N ALA A 3 2.73 -4.10 12.87
CA ALA A 3 4.18 -4.30 12.90
C ALA A 3 4.87 -4.41 11.54
N THR A 4 4.09 -4.29 10.47
CA THR A 4 4.65 -4.36 9.12
C THR A 4 4.60 -2.96 8.52
N SER A 5 5.77 -2.45 8.15
CA SER A 5 5.84 -1.13 7.53
C SER A 5 5.71 -1.31 6.03
N THR A 6 4.93 -0.45 5.40
CA THR A 6 4.78 -0.51 3.95
C THR A 6 5.39 0.78 3.38
N GLU A 7 6.32 0.63 2.46
CA GLU A 7 6.95 1.79 1.82
C GLU A 7 6.25 1.95 0.48
N THR A 8 5.68 3.12 0.26
CA THR A 8 4.99 3.40 -0.99
C THR A 8 5.68 4.58 -1.66
N ILE A 9 6.20 4.37 -2.86
CA ILE A 9 6.86 5.43 -3.60
C ILE A 9 5.93 5.85 -4.72
N HIS A 10 5.38 7.06 -4.62
CA HIS A 10 4.48 7.57 -5.64
C HIS A 10 5.29 8.18 -6.78
N TYR A 11 5.05 7.70 -7.99
CA TYR A 11 5.73 8.22 -9.18
C TYR A 11 4.70 9.04 -9.95
N VAL A 12 4.86 10.36 -9.95
CA VAL A 12 3.90 11.22 -10.63
C VAL A 12 4.54 12.26 -11.53
N ASN A 13 3.71 12.93 -12.32
CA ASN A 13 4.18 13.98 -13.20
C ASN A 13 3.96 15.32 -12.49
N GLU A 14 4.28 16.41 -13.16
CA GLU A 14 4.14 17.74 -12.56
C GLU A 14 2.70 18.03 -12.15
N ASP A 15 1.75 17.34 -12.77
CA ASP A 15 0.33 17.53 -12.47
C ASP A 15 -0.14 16.62 -11.33
N GLY A 16 0.76 15.77 -10.85
CA GLY A 16 0.40 14.88 -9.77
C GLY A 16 -0.27 13.59 -10.22
N ASP A 17 -0.29 13.35 -11.53
CA ASP A 17 -0.88 12.13 -12.05
C ASP A 17 0.13 10.99 -12.01
N GLN A 18 -0.31 9.82 -11.57
CA GLN A 18 0.57 8.66 -11.49
C GLN A 18 1.08 8.29 -12.88
N VAL A 19 2.39 8.10 -13.01
CA VAL A 19 2.99 7.75 -14.29
C VAL A 19 3.58 6.33 -14.28
N PHE A 20 3.72 5.76 -13.08
CA PHE A 20 4.22 4.40 -12.91
C PHE A 20 3.54 3.80 -11.70
N GLU A 21 3.52 2.47 -11.60
CA GLU A 21 2.90 1.81 -10.46
C GLU A 21 3.70 2.18 -9.23
N ASP A 22 3.03 2.27 -8.07
CA ASP A 22 3.73 2.61 -6.83
C ASP A 22 4.92 1.70 -6.62
N GLY A 23 6.05 2.29 -6.20
CA GLY A 23 7.23 1.50 -5.93
C GLY A 23 7.30 1.24 -4.44
N GLY A 24 8.33 0.53 -4.00
CA GLY A 24 8.47 0.25 -2.59
C GLY A 24 8.35 -1.21 -2.21
N GLY A 25 7.86 -1.47 -1.00
CA GLY A 25 7.70 -2.83 -0.52
C GLY A 25 7.31 -2.87 0.94
N LYS A 26 7.62 -3.97 1.61
CA LYS A 26 7.27 -4.12 3.01
C LYS A 26 8.44 -4.57 3.88
N LEU A 27 8.39 -4.20 5.16
CA LEU A 27 9.42 -4.59 6.12
C LEU A 27 8.72 -4.99 7.40
N ASP A 28 8.98 -6.20 7.87
CA ASP A 28 8.34 -6.71 9.08
C ASP A 28 9.19 -6.53 10.33
N PHE A 29 8.52 -6.23 11.44
CA PHE A 29 9.19 -6.07 12.73
C PHE A 29 8.42 -6.85 13.78
N THR A 30 9.05 -7.09 14.91
CA THR A 30 8.40 -7.78 16.01
C THR A 30 8.96 -7.21 17.31
N ARG A 31 8.24 -7.44 18.39
CA ARG A 31 8.64 -6.95 19.70
C ARG A 31 8.05 -7.93 20.71
N THR A 32 8.67 -8.07 21.86
CA THR A 32 8.14 -8.94 22.88
C THR A 32 7.35 -8.08 23.86
N VAL A 33 6.44 -8.72 24.58
CA VAL A 33 5.65 -8.05 25.60
C VAL A 33 5.74 -8.95 26.81
N THR A 34 6.22 -8.41 27.92
CA THR A 34 6.36 -9.18 29.14
C THR A 34 5.24 -8.80 30.10
N ILE A 35 4.50 -9.80 30.56
CA ILE A 35 3.38 -9.56 31.47
C ILE A 35 3.49 -10.40 32.74
N ASP A 36 2.66 -10.08 33.72
CA ASP A 36 2.63 -10.83 34.96
C ASP A 36 1.69 -12.00 34.70
N ASP A 37 2.14 -13.22 34.98
CA ASP A 37 1.33 -14.40 34.74
C ASP A 37 0.09 -14.46 35.63
N VAL A 38 0.11 -13.73 36.73
CA VAL A 38 -1.02 -13.72 37.65
C VAL A 38 -2.04 -12.62 37.34
N THR A 39 -1.59 -11.37 37.34
CA THR A 39 -2.46 -10.23 37.08
C THR A 39 -2.71 -9.94 35.61
N ASN A 40 -1.90 -10.51 34.74
CA ASN A 40 -2.03 -10.27 33.29
C ASN A 40 -1.67 -8.85 32.92
N GLU A 41 -1.07 -8.12 33.87
CA GLU A 41 -0.65 -6.74 33.63
C GLU A 41 0.63 -6.73 32.81
N VAL A 42 0.76 -5.77 31.89
CA VAL A 42 1.96 -5.67 31.10
C VAL A 42 3.06 -5.05 31.95
N VAL A 43 4.19 -5.74 32.05
CA VAL A 43 5.31 -5.26 32.84
C VAL A 43 6.23 -4.38 32.01
N GLU A 44 6.42 -4.74 30.75
CA GLU A 44 7.27 -3.96 29.86
C GLU A 44 7.18 -4.43 28.41
N TYR A 45 7.53 -3.53 27.51
CA TYR A 45 7.52 -3.80 26.09
C TYR A 45 8.94 -3.88 25.57
N GLY A 46 9.22 -4.89 24.75
CA GLY A 46 10.55 -5.04 24.20
C GLY A 46 10.77 -4.08 23.05
N GLU A 47 12.03 -3.88 22.67
CA GLU A 47 12.34 -2.99 21.56
C GLU A 47 11.97 -3.66 20.24
N TRP A 48 11.58 -2.86 19.25
CA TRP A 48 11.21 -3.42 17.94
C TRP A 48 12.47 -3.98 17.30
N THR A 49 12.37 -5.20 16.78
CA THR A 49 13.52 -5.84 16.12
C THR A 49 13.07 -6.24 14.72
N PRO A 50 13.95 -6.08 13.73
CA PRO A 50 13.58 -6.42 12.36
C PRO A 50 13.56 -7.92 12.06
N VAL A 51 12.59 -8.34 11.26
CA VAL A 51 12.50 -9.74 10.87
C VAL A 51 13.65 -9.95 9.86
N THR A 52 13.87 -8.96 9.00
CA THR A 52 14.99 -9.02 8.06
C THR A 52 15.89 -7.85 8.44
N ASP A 53 15.79 -6.73 7.73
CA ASP A 53 16.62 -5.56 8.03
C ASP A 53 15.76 -4.41 8.57
N ASP A 54 16.39 -3.46 9.24
CA ASP A 54 15.65 -2.34 9.81
C ASP A 54 15.53 -1.15 8.87
N GLU A 55 15.98 -1.34 7.63
CA GLU A 55 15.91 -0.29 6.61
C GLU A 55 15.37 -0.80 5.28
N PHE A 56 14.57 0.03 4.62
CA PHE A 56 14.05 -0.32 3.30
C PHE A 56 15.24 -0.12 2.39
N ALA A 57 15.48 -1.05 1.47
CA ALA A 57 16.60 -0.90 0.55
C ALA A 57 16.35 0.24 -0.44
N ALA A 58 17.42 0.80 -1.01
CA ALA A 58 17.27 1.89 -1.98
C ALA A 58 16.46 1.40 -3.19
N VAL A 59 15.62 2.27 -3.73
CA VAL A 59 14.77 1.92 -4.86
C VAL A 59 15.06 2.71 -6.13
N THR A 60 15.43 2.00 -7.20
CA THR A 60 15.72 2.63 -8.48
C THR A 60 14.43 3.12 -9.14
N SER A 61 14.43 4.36 -9.61
CA SER A 61 13.25 4.92 -10.28
C SER A 61 13.20 4.44 -11.73
N PRO A 62 12.00 4.08 -12.21
CA PRO A 62 11.86 3.60 -13.59
C PRO A 62 12.20 4.69 -14.62
N ASP A 63 12.63 4.29 -15.80
CA ASP A 63 12.97 5.24 -16.85
C ASP A 63 11.77 5.53 -17.74
N LYS A 64 11.55 6.81 -18.04
CA LYS A 64 10.44 7.23 -18.89
C LYS A 64 11.02 8.15 -19.96
N ASP A 65 10.87 7.77 -21.23
CA ASP A 65 11.40 8.56 -22.34
C ASP A 65 10.80 9.96 -22.36
N GLY A 66 11.66 10.97 -22.52
CA GLY A 66 11.17 12.34 -22.57
C GLY A 66 10.85 12.95 -21.22
N TYR A 67 11.20 12.24 -20.16
CA TYR A 67 10.97 12.70 -18.80
C TYR A 67 12.16 12.38 -17.90
N THR A 68 12.32 13.15 -16.83
CA THR A 68 13.40 12.95 -15.88
C THR A 68 12.86 13.04 -14.46
N PRO A 69 13.07 11.99 -13.64
CA PRO A 69 12.59 12.01 -12.26
C PRO A 69 13.53 12.90 -11.45
N ASP A 70 13.03 13.52 -10.39
CA ASP A 70 13.90 14.39 -9.61
C ASP A 70 15.04 13.59 -8.99
N THR A 71 14.84 12.28 -8.82
CA THR A 71 15.90 11.41 -8.31
C THR A 71 15.80 10.07 -9.03
N SER A 72 16.95 9.55 -9.46
CA SER A 72 16.96 8.27 -10.16
C SER A 72 16.93 7.12 -9.15
N GLU A 73 17.03 7.45 -7.87
CA GLU A 73 16.98 6.43 -6.83
C GLU A 73 16.61 6.97 -5.46
N VAL A 74 15.56 6.43 -4.86
CA VAL A 74 15.16 6.85 -3.52
C VAL A 74 16.07 6.08 -2.56
N ALA A 75 16.76 6.82 -1.71
CA ALA A 75 17.69 6.22 -0.76
C ALA A 75 17.03 5.26 0.23
N ALA A 76 17.84 4.46 0.90
CA ALA A 76 17.34 3.53 1.90
C ALA A 76 16.63 4.39 2.95
N GLN A 77 15.50 3.89 3.44
CA GLN A 77 14.69 4.62 4.41
C GLN A 77 14.39 3.76 5.65
N LYS A 78 14.57 4.33 6.83
CA LYS A 78 14.25 3.62 8.07
C LYS A 78 12.84 4.05 8.47
N PRO A 79 11.93 3.09 8.65
CA PRO A 79 10.57 3.47 9.04
C PRO A 79 10.58 3.94 10.50
N ASP A 80 9.70 4.88 10.82
CA ASP A 80 9.62 5.36 12.20
C ASP A 80 8.87 4.31 13.01
N THR A 82 7.08 3.57 17.20
CA THR A 82 6.74 4.09 18.51
C THR A 82 6.67 2.95 19.52
N ASP A 83 7.00 3.24 20.78
CA ASP A 83 6.98 2.21 21.80
C ASP A 83 5.76 2.31 22.70
N GLY A 84 5.78 1.57 23.80
CA GLY A 84 4.66 1.61 24.72
C GLY A 84 3.49 0.76 24.26
N PRO A 85 2.37 0.79 25.00
CA PRO A 85 1.18 0.02 24.67
C PRO A 85 0.57 0.32 23.32
N ASP A 86 0.67 1.57 22.87
CA ASP A 86 0.11 1.96 21.58
C ASP A 86 1.15 1.97 20.47
N GLY A 87 2.37 1.53 20.81
CA GLY A 87 3.45 1.51 19.84
C GLY A 87 3.15 0.77 18.55
N THR A 88 3.68 1.27 17.44
CA THR A 88 3.47 0.65 16.14
C THR A 88 4.62 1.00 15.21
N VAL A 89 4.74 0.21 14.14
CA VAL A 89 5.76 0.45 13.13
C VAL A 89 5.01 1.27 12.08
N LYS A 90 5.55 2.42 11.72
CA LYS A 90 4.89 3.29 10.75
C LYS A 90 5.25 3.00 9.30
N ASP A 91 4.39 3.45 8.39
CA ASP A 91 4.62 3.27 6.96
C ASP A 91 5.54 4.39 6.48
N VAL A 92 6.05 4.24 5.26
CA VAL A 92 6.93 5.25 4.68
C VAL A 92 6.33 5.69 3.36
N GLU A 93 6.15 7.00 3.21
CA GLU A 93 5.59 7.60 2.00
C GLU A 93 6.65 8.45 1.33
N VAL A 94 6.78 8.31 0.01
CA VAL A 94 7.76 9.08 -0.75
C VAL A 94 7.14 9.45 -2.10
N THR A 95 7.45 10.64 -2.60
CA THR A 95 6.91 11.06 -3.88
C THR A 95 8.03 11.54 -4.80
N VAL A 96 8.15 10.88 -5.95
CA VAL A 96 9.18 11.20 -6.93
C VAL A 96 8.44 11.82 -8.12
N THR A 97 8.89 13.00 -8.55
CA THR A 97 8.24 13.70 -9.66
C THR A 97 8.99 13.62 -10.97
N TYR A 98 8.26 13.26 -12.03
CA TYR A 98 8.83 13.16 -13.37
C TYR A 98 8.48 14.45 -14.10
N THR A 99 9.49 15.18 -14.52
CA THR A 99 9.27 16.42 -15.25
C THR A 99 9.62 16.22 -16.71
N ALA A 100 8.71 16.64 -17.60
CA ALA A 100 8.93 16.49 -19.04
C ALA A 100 10.13 17.31 -19.52
N ASN A 101 10.87 16.74 -20.48
CA ASN A 101 12.02 17.42 -21.05
C ASN A 101 11.56 18.14 -22.32
N PRO A 102 12.27 19.20 -22.73
CA PRO A 102 13.46 19.74 -22.07
C PRO A 102 13.04 20.72 -20.97
N ALA B 3 -1.40 -4.10 -14.47
CA ALA B 3 -2.62 -4.91 -14.71
C ALA B 3 -3.15 -5.54 -13.43
N THR B 4 -2.44 -5.31 -12.32
CA THR B 4 -2.85 -5.84 -11.02
C THR B 4 -3.25 -4.73 -10.07
N SER B 5 -4.44 -4.86 -9.50
CA SER B 5 -4.95 -3.87 -8.57
C SER B 5 -4.75 -4.33 -7.13
N THR B 6 -4.26 -3.43 -6.29
CA THR B 6 -4.08 -3.77 -4.89
C THR B 6 -5.07 -2.95 -4.08
N GLU B 7 -5.83 -3.64 -3.23
CA GLU B 7 -6.78 -2.96 -2.35
C GLU B 7 -6.08 -2.91 -1.01
N THR B 8 -5.89 -1.70 -0.49
CA THR B 8 -5.25 -1.53 0.81
C THR B 8 -6.25 -0.89 1.76
N ILE B 9 -6.54 -1.57 2.86
CA ILE B 9 -7.47 -1.04 3.85
C ILE B 9 -6.70 -0.66 5.10
N HIS B 10 -6.63 0.64 5.40
CA HIS B 10 -5.94 1.11 6.59
C HIS B 10 -6.87 1.05 7.80
N TYR B 11 -6.44 0.42 8.87
CA TYR B 11 -7.24 0.32 10.09
C TYR B 11 -6.55 1.20 11.13
N VAL B 12 -7.14 2.37 11.40
CA VAL B 12 -6.54 3.32 12.33
C VAL B 12 -7.45 3.73 13.48
N ASN B 13 -6.86 4.31 14.52
CA ASN B 13 -7.63 4.79 15.65
C ASN B 13 -7.86 6.27 15.43
N GLU B 14 -8.51 6.93 16.38
CA GLU B 14 -8.80 8.35 16.27
C GLU B 14 -7.53 9.22 16.15
N ASP B 15 -6.40 8.68 16.60
CA ASP B 15 -5.14 9.40 16.54
C ASP B 15 -4.38 9.21 15.23
N GLY B 16 -4.87 8.32 14.38
CA GLY B 16 -4.21 8.08 13.11
C GLY B 16 -3.20 6.95 13.16
N ASP B 17 -3.11 6.28 14.31
CA ASP B 17 -2.19 5.16 14.44
C ASP B 17 -2.90 3.89 14.00
N GLN B 18 -2.22 3.07 13.21
CA GLN B 18 -2.80 1.82 12.74
C GLN B 18 -2.92 0.83 13.89
N VAL B 19 -4.08 0.18 13.99
CA VAL B 19 -4.33 -0.78 15.06
C VAL B 19 -4.34 -2.24 14.60
N PHE B 20 -4.27 -2.43 13.29
CA PHE B 20 -4.26 -3.76 12.69
C PHE B 20 -3.40 -3.68 11.44
N GLU B 21 -2.90 -4.82 10.97
CA GLU B 21 -2.11 -4.81 9.75
C GLU B 21 -3.09 -4.44 8.64
N ASP B 22 -2.60 -3.85 7.55
CA ASP B 22 -3.47 -3.46 6.44
C ASP B 22 -4.32 -4.60 5.90
N GLY B 23 -5.57 -4.30 5.60
CA GLY B 23 -6.46 -5.31 5.04
C GLY B 23 -6.51 -5.13 3.54
N GLY B 24 -7.29 -5.97 2.87
CA GLY B 24 -7.42 -5.85 1.43
C GLY B 24 -6.93 -7.09 0.72
N GLY B 25 -6.41 -6.89 -0.49
CA GLY B 25 -5.92 -8.01 -1.27
C GLY B 25 -5.50 -7.58 -2.66
N LYS B 26 -5.40 -8.52 -3.58
CA LYS B 26 -5.00 -8.21 -4.95
C LYS B 26 -5.94 -8.81 -5.98
N LEU B 27 -6.02 -8.17 -7.14
CA LEU B 27 -6.83 -8.64 -8.24
C LEU B 27 -6.02 -8.45 -9.51
N ASP B 28 -5.95 -9.50 -10.33
CA ASP B 28 -5.20 -9.42 -11.57
C ASP B 28 -6.14 -9.24 -12.76
N PHE B 29 -5.65 -8.52 -13.76
CA PHE B 29 -6.41 -8.27 -14.98
C PHE B 29 -5.47 -8.43 -16.16
N THR B 30 -6.04 -8.59 -17.35
CA THR B 30 -5.25 -8.69 -18.57
C THR B 30 -6.01 -8.01 -19.68
N ARG B 31 -5.29 -7.63 -20.73
CA ARG B 31 -5.91 -6.96 -21.88
C ARG B 31 -5.07 -7.41 -23.08
N THR B 32 -5.70 -7.50 -24.24
CA THR B 32 -4.95 -7.87 -25.43
C THR B 32 -4.55 -6.57 -26.14
N VAL B 33 -3.56 -6.66 -27.00
CA VAL B 33 -3.10 -5.50 -27.77
C VAL B 33 -2.99 -6.04 -29.20
N THR B 34 -3.67 -5.40 -30.14
CA THR B 34 -3.61 -5.85 -31.53
C THR B 34 -2.67 -4.91 -32.29
N ILE B 35 -1.69 -5.49 -32.97
CA ILE B 35 -0.70 -4.71 -33.69
C ILE B 35 -0.62 -5.10 -35.16
N ASP B 36 -0.17 -4.16 -35.99
CA ASP B 36 0.00 -4.41 -37.42
C ASP B 36 1.32 -5.18 -37.51
N ASP B 37 1.26 -6.40 -38.02
CA ASP B 37 2.46 -7.24 -38.11
C ASP B 37 3.54 -6.68 -39.03
N VAL B 38 3.14 -5.78 -39.93
CA VAL B 38 4.10 -5.21 -40.87
C VAL B 38 4.72 -3.89 -40.40
N THR B 39 3.89 -2.99 -39.89
CA THR B 39 4.38 -1.69 -39.43
C THR B 39 4.67 -1.69 -37.94
N ASN B 40 3.99 -2.59 -37.24
CA ASN B 40 4.13 -2.75 -35.81
C ASN B 40 3.47 -1.62 -35.01
N GLU B 41 2.47 -1.00 -35.64
CA GLU B 41 1.70 0.06 -35.01
C GLU B 41 0.56 -0.61 -34.25
N VAL B 42 0.22 -0.07 -33.09
CA VAL B 42 -0.87 -0.64 -32.32
C VAL B 42 -2.17 -0.30 -33.02
N VAL B 43 -2.94 -1.33 -33.37
CA VAL B 43 -4.19 -1.14 -34.06
C VAL B 43 -5.35 -0.94 -33.11
N GLU B 44 -5.33 -1.67 -31.99
CA GLU B 44 -6.40 -1.57 -31.02
C GLU B 44 -6.00 -2.16 -29.68
N TYR B 45 -6.59 -1.61 -28.61
CA TYR B 45 -6.33 -2.08 -27.26
C TYR B 45 -7.58 -2.78 -26.78
N GLY B 46 -7.44 -4.02 -26.32
CA GLY B 46 -8.59 -4.76 -25.83
C GLY B 46 -9.02 -4.24 -24.48
N GLU B 47 -10.25 -4.54 -24.08
CA GLU B 47 -10.76 -4.09 -22.79
C GLU B 47 -10.16 -4.95 -21.68
N TRP B 48 -10.04 -4.39 -20.49
CA TRP B 48 -9.50 -5.14 -19.36
C TRP B 48 -10.44 -6.28 -19.00
N THR B 49 -9.86 -7.44 -18.73
CA THR B 49 -10.64 -8.62 -18.34
C THR B 49 -10.03 -9.16 -17.05
N PRO B 50 -10.88 -9.59 -16.10
CA PRO B 50 -10.38 -10.12 -14.84
C PRO B 50 -9.85 -11.54 -14.93
N VAL B 51 -8.78 -11.80 -14.19
CA VAL B 51 -8.18 -13.13 -14.13
C VAL B 51 -9.12 -13.96 -13.27
N THR B 52 -9.70 -13.31 -12.25
CA THR B 52 -10.68 -13.96 -11.38
C THR B 52 -11.98 -13.15 -11.44
N ASP B 53 -12.15 -12.21 -10.52
CA ASP B 53 -13.34 -11.37 -10.49
C ASP B 53 -12.98 -9.92 -10.79
N ASP B 54 -13.96 -9.12 -11.20
CA ASP B 54 -13.71 -7.72 -11.50
C ASP B 54 -13.85 -6.80 -10.30
N GLU B 55 -14.17 -7.38 -9.14
CA GLU B 55 -14.29 -6.58 -7.93
C GLU B 55 -13.74 -7.28 -6.70
N PHE B 56 -13.22 -6.48 -5.76
CA PHE B 56 -12.68 -6.99 -4.51
C PHE B 56 -13.85 -7.43 -3.65
N ALA B 57 -13.72 -8.59 -3.02
CA ALA B 57 -14.78 -9.11 -2.15
C ALA B 57 -14.86 -8.22 -0.92
N ALA B 58 -16.02 -8.21 -0.27
CA ALA B 58 -16.20 -7.40 0.93
C ALA B 58 -15.25 -7.91 2.03
N VAL B 59 -14.67 -6.99 2.78
CA VAL B 59 -13.74 -7.34 3.84
C VAL B 59 -14.26 -7.07 5.25
N THR B 60 -14.32 -8.12 6.07
CA THR B 60 -14.78 -7.98 7.45
C THR B 60 -13.74 -7.24 8.28
N SER B 61 -14.16 -6.25 9.06
CA SER B 61 -13.22 -5.51 9.90
C SER B 61 -12.95 -6.31 11.17
N PRO B 62 -11.68 -6.38 11.60
CA PRO B 62 -11.30 -7.12 12.81
C PRO B 62 -11.95 -6.56 14.06
N ASP B 63 -12.32 -7.42 15.00
CA ASP B 63 -12.93 -6.95 16.23
C ASP B 63 -11.82 -6.48 17.17
N LYS B 64 -12.01 -5.33 17.80
CA LYS B 64 -11.02 -4.77 18.73
C LYS B 64 -11.72 -4.42 20.04
N ASP B 65 -11.26 -5.04 21.12
CA ASP B 65 -11.83 -4.83 22.46
C ASP B 65 -11.92 -3.36 22.86
N GLY B 66 -13.10 -2.94 23.26
CA GLY B 66 -13.29 -1.56 23.68
C GLY B 66 -13.33 -0.54 22.56
N TYR B 67 -13.38 -1.02 21.32
CA TYR B 67 -13.42 -0.14 20.16
C TYR B 67 -14.48 -0.57 19.16
N THR B 68 -14.91 0.39 18.33
CA THR B 68 -15.91 0.11 17.29
C THR B 68 -15.48 0.75 15.98
N PRO B 69 -15.31 -0.05 14.93
CA PRO B 69 -14.90 0.50 13.63
C PRO B 69 -16.11 1.22 13.04
N ASP B 70 -15.89 2.27 12.26
CA ASP B 70 -17.01 2.98 11.68
C ASP B 70 -17.85 2.03 10.82
N THR B 71 -17.22 0.97 10.30
CA THR B 71 -17.96 -0.03 9.54
C THR B 71 -17.38 -1.42 9.85
N SER B 72 -18.25 -2.39 10.07
CA SER B 72 -17.82 -3.75 10.39
C SER B 72 -17.43 -4.52 9.15
N GLU B 73 -17.68 -3.95 7.97
CA GLU B 73 -17.33 -4.62 6.71
C GLU B 73 -17.19 -3.64 5.55
N VAL B 74 -16.00 -3.61 4.95
CA VAL B 74 -15.77 -2.76 3.81
C VAL B 74 -16.45 -3.46 2.64
N ALA B 75 -17.35 -2.75 1.96
CA ALA B 75 -18.10 -3.31 0.85
C ALA B 75 -17.24 -3.75 -0.34
N ALA B 76 -17.80 -4.64 -1.16
CA ALA B 76 -17.10 -5.10 -2.36
C ALA B 76 -16.79 -3.84 -3.16
N GLN B 77 -15.58 -3.77 -3.71
CA GLN B 77 -15.15 -2.60 -4.46
C GLN B 77 -14.60 -2.96 -5.84
N LYS B 78 -14.97 -2.20 -6.86
CA LYS B 78 -14.45 -2.43 -8.20
C LYS B 78 -13.34 -1.42 -8.44
N PRO B 79 -12.14 -1.90 -8.82
CA PRO B 79 -11.07 -0.93 -9.06
C PRO B 79 -11.33 -0.17 -10.36
N ASP B 80 -10.92 1.10 -10.40
CA ASP B 80 -11.10 1.87 -11.61
C ASP B 80 -10.06 1.43 -12.63
N THR B 82 -8.48 2.45 -16.82
CA THR B 82 -8.49 3.30 -17.99
C THR B 82 -7.94 2.52 -19.18
N ASP B 83 -8.26 2.99 -20.39
CA ASP B 83 -7.80 2.32 -21.59
C ASP B 83 -6.72 3.12 -22.32
N GLY B 84 -6.49 2.77 -23.59
CA GLY B 84 -5.49 3.49 -24.35
C GLY B 84 -4.08 3.03 -24.05
N PRO B 85 -3.07 3.64 -24.69
CA PRO B 85 -1.65 3.32 -24.53
C PRO B 85 -1.19 3.21 -23.08
N ASP B 86 -1.58 4.18 -22.26
CA ASP B 86 -1.18 4.19 -20.87
C ASP B 86 -2.26 3.66 -19.93
N GLY B 87 -3.28 3.02 -20.52
CA GLY B 87 -4.35 2.48 -19.71
C GLY B 87 -3.80 1.57 -18.64
N THR B 88 -4.43 1.57 -17.47
CA THR B 88 -3.98 0.73 -16.36
C THR B 88 -5.13 0.45 -15.41
N VAL B 89 -4.96 -0.57 -14.56
CA VAL B 89 -5.98 -0.89 -13.57
C VAL B 89 -5.47 -0.22 -12.30
N LYS B 90 -6.28 0.65 -11.73
CA LYS B 90 -5.88 1.39 -10.54
C LYS B 90 -6.03 0.61 -9.24
N ASP B 91 -5.30 1.04 -8.23
CA ASP B 91 -5.38 0.42 -6.92
C ASP B 91 -6.57 1.01 -6.19
N VAL B 92 -6.90 0.42 -5.04
CA VAL B 92 -8.01 0.87 -4.23
C VAL B 92 -7.48 1.16 -2.84
N GLU B 93 -7.78 2.35 -2.32
CA GLU B 93 -7.34 2.78 -1.00
C GLU B 93 -8.57 3.04 -0.13
N VAL B 94 -8.57 2.49 1.08
CA VAL B 94 -9.71 2.66 2.00
C VAL B 94 -9.20 2.84 3.44
N THR B 95 -9.92 3.65 4.22
CA THR B 95 -9.53 3.85 5.61
C THR B 95 -10.70 3.68 6.58
N VAL B 96 -10.55 2.73 7.50
CA VAL B 96 -11.55 2.43 8.50
C VAL B 96 -11.07 2.95 9.84
N THR B 97 -11.91 3.66 10.57
CA THR B 97 -11.51 4.21 11.85
C THR B 97 -12.15 3.55 13.05
N TYR B 98 -11.31 3.15 14.00
CA TYR B 98 -11.80 2.53 15.22
C TYR B 98 -11.89 3.62 16.27
N THR B 99 -13.07 3.82 16.82
CA THR B 99 -13.26 4.83 17.85
C THR B 99 -13.43 4.14 19.21
N ALA B 100 -12.70 4.62 20.21
CA ALA B 100 -12.76 4.04 21.54
C ALA B 100 -14.16 4.17 22.11
N ASN B 101 -14.68 3.09 22.69
CA ASN B 101 -16.02 3.13 23.27
C ASN B 101 -15.93 3.83 24.62
N PRO B 102 -16.89 4.72 24.91
CA PRO B 102 -16.87 5.43 26.19
C PRO B 102 -16.91 4.47 27.37
#